data_3FND
#
_entry.id   3FND
#
_cell.length_a   53.795
_cell.length_b   42.374
_cell.length_c   66.850
_cell.angle_alpha   90.00
_cell.angle_beta   99.70
_cell.angle_gamma   90.00
#
_symmetry.space_group_name_H-M   'P 1 21 1'
#
loop_
_entity.id
_entity.type
_entity.pdbx_description
1 polymer Chitinase
2 non-polymer GLYCEROL
3 water water
#
_entity_poly.entity_id   1
_entity_poly.type   'polypeptide(L)'
_entity_poly.pdbx_seq_one_letter_code
;(MSE)SLKVVIGYLALDDWEFESLFPTIEWKYLTHINASFARVKADGTLNINPVRKRIESVRETAHKHNVKILISLAKNS
PGEFTTAINDPKARKELIQQIIAFTKEYKLDGFDIDYEEYDNWDKNFPSLLVFARGLYLAKEKN(MSE)L(MSE)TCAVN
SRWLNYGTEWEQYFDYINL(MSE)SYDRGAFTDKPVQHASYDDFVKDLKYWNEQCRASKSKIVGGLPFYGYSWEESLQGA
VDDVRGIRYSGILKHLGNEAADKDNIGKTYYNGRPTIANKCKFIKENDYAGV(MSE)IWQLFQDAHNDNYDLKLINVVGR
E(MSE)(MSE)EEGHHHHHH
;
_entity_poly.pdbx_strand_id   A
#
loop_
_chem_comp.id
_chem_comp.type
_chem_comp.name
_chem_comp.formula
GOL non-polymer GLYCEROL 'C3 H8 O3'
#
# COMPACT_ATOMS: atom_id res chain seq x y z
N SER A 2 1.38 18.05 10.98
CA SER A 2 2.08 16.99 10.21
C SER A 2 2.27 15.70 11.03
N LEU A 3 1.20 15.20 11.63
CA LEU A 3 1.32 13.96 12.40
C LEU A 3 1.54 12.86 11.39
N LYS A 4 2.17 11.77 11.81
CA LYS A 4 2.44 10.64 10.91
C LYS A 4 1.15 9.97 10.42
N VAL A 5 1.19 9.46 9.19
CA VAL A 5 0.02 8.78 8.65
C VAL A 5 0.33 7.29 8.61
N VAL A 6 -0.69 6.45 8.73
CA VAL A 6 -0.50 5.00 8.61
C VAL A 6 -1.60 4.62 7.63
N ILE A 7 -1.20 4.41 6.38
CA ILE A 7 -2.10 4.10 5.30
C ILE A 7 -2.14 2.60 5.08
N GLY A 8 -3.22 1.97 5.53
CA GLY A 8 -3.35 0.53 5.40
C GLY A 8 -4.18 0.06 4.24
N TYR A 9 -3.62 -0.83 3.43
CA TYR A 9 -4.37 -1.37 2.30
C TYR A 9 -5.33 -2.42 2.86
N LEU A 10 -6.58 -2.37 2.41
CA LEU A 10 -7.58 -3.32 2.85
C LEU A 10 -8.24 -3.90 1.61
N ALA A 11 -7.93 -5.17 1.31
CA ALA A 11 -8.51 -5.84 0.15
C ALA A 11 -9.93 -6.30 0.49
N LEU A 12 -10.90 -5.65 -0.11
CA LEU A 12 -12.31 -5.96 0.14
C LEU A 12 -12.80 -7.29 -0.42
N ASP A 13 -11.94 -7.99 -1.16
CA ASP A 13 -12.31 -9.29 -1.71
C ASP A 13 -11.37 -10.36 -1.17
N ASP A 14 -10.62 -10.01 -0.13
CA ASP A 14 -9.69 -10.93 0.49
C ASP A 14 -10.46 -12.11 1.06
N TRP A 15 -9.89 -13.30 0.98
CA TRP A 15 -10.59 -14.48 1.50
C TRP A 15 -10.74 -14.45 3.02
N GLU A 16 -9.93 -13.63 3.70
CA GLU A 16 -10.03 -13.56 5.15
C GLU A 16 -10.88 -12.39 5.64
N PHE A 17 -11.52 -11.70 4.70
CA PHE A 17 -12.36 -10.54 5.05
C PHE A 17 -13.39 -10.81 6.13
N GLU A 18 -14.33 -11.70 5.87
CA GLU A 18 -15.38 -12.01 6.83
C GLU A 18 -14.84 -12.29 8.23
N SER A 19 -13.79 -13.07 8.30
CA SER A 19 -13.21 -13.43 9.59
C SER A 19 -12.38 -12.36 10.27
N LEU A 20 -11.64 -11.59 9.49
CA LEU A 20 -10.76 -10.59 10.07
C LEU A 20 -11.20 -9.13 10.08
N PHE A 21 -12.16 -8.75 9.24
CA PHE A 21 -12.57 -7.35 9.24
C PHE A 21 -12.89 -6.80 10.63
N PRO A 22 -13.60 -7.57 11.46
CA PRO A 22 -13.93 -7.08 12.81
C PRO A 22 -12.72 -6.81 13.71
N THR A 23 -11.56 -7.35 13.34
CA THR A 23 -10.35 -7.19 14.15
C THR A 23 -9.41 -6.07 13.72
N ILE A 24 -9.78 -5.28 12.72
CA ILE A 24 -8.91 -4.20 12.27
C ILE A 24 -8.61 -3.21 13.39
N GLU A 25 -7.31 -2.98 13.65
CA GLU A 25 -6.90 -2.07 14.72
C GLU A 25 -6.94 -0.62 14.24
N TRP A 26 -8.14 -0.08 14.16
CA TRP A 26 -8.34 1.28 13.69
C TRP A 26 -7.56 2.36 14.42
N LYS A 27 -7.27 2.16 15.69
CA LYS A 27 -6.54 3.17 16.46
C LYS A 27 -5.13 3.39 15.95
N TYR A 28 -4.63 2.46 15.14
CA TYR A 28 -3.28 2.58 14.58
C TYR A 28 -3.27 2.88 13.09
N LEU A 29 -4.38 3.41 12.58
CA LEU A 29 -4.50 3.75 11.17
C LEU A 29 -4.99 5.19 11.05
N THR A 30 -4.58 5.87 9.98
CA THR A 30 -5.06 7.23 9.75
C THR A 30 -5.91 7.17 8.49
N HIS A 31 -5.55 6.25 7.60
CA HIS A 31 -6.25 6.04 6.33
C HIS A 31 -6.22 4.57 5.92
N ILE A 32 -7.20 4.16 5.14
CA ILE A 32 -7.23 2.82 4.59
C ILE A 32 -7.53 2.95 3.10
N ASN A 33 -6.82 2.15 2.30
CA ASN A 33 -7.04 2.15 0.86
C ASN A 33 -7.85 0.89 0.54
N ALA A 34 -9.12 1.07 0.19
CA ALA A 34 -9.97 -0.04 -0.17
C ALA A 34 -9.55 -0.46 -1.58
N SER A 35 -9.15 -1.71 -1.75
CA SER A 35 -8.69 -2.18 -3.04
C SER A 35 -9.51 -3.39 -3.53
N PHE A 36 -9.80 -3.45 -4.83
CA PHE A 36 -9.40 -2.43 -5.82
C PHE A 36 -10.57 -2.19 -6.77
N ALA A 37 -10.61 -0.99 -7.34
CA ALA A 37 -11.62 -0.67 -8.36
C ALA A 37 -10.69 -1.00 -9.54
N ARG A 38 -11.13 -1.83 -10.48
CA ARG A 38 -10.28 -2.20 -11.59
C ARG A 38 -10.49 -1.33 -12.84
N VAL A 39 -9.39 -0.90 -13.44
CA VAL A 39 -9.41 -0.04 -14.62
C VAL A 39 -9.49 -0.82 -15.93
N LYS A 40 -10.57 -0.61 -16.67
CA LYS A 40 -10.77 -1.30 -17.95
C LYS A 40 -10.19 -0.48 -19.11
N ALA A 41 -9.87 -1.16 -20.20
CA ALA A 41 -9.29 -0.52 -21.37
C ALA A 41 -10.06 0.67 -21.94
N ASP A 42 -11.38 0.67 -21.80
CA ASP A 42 -12.20 1.75 -22.34
C ASP A 42 -12.38 2.91 -21.37
N GLY A 43 -11.65 2.88 -20.26
CA GLY A 43 -11.76 3.95 -19.29
C GLY A 43 -12.82 3.77 -18.22
N THR A 44 -13.59 2.69 -18.31
CA THR A 44 -14.63 2.42 -17.31
C THR A 44 -14.04 1.55 -16.21
N LEU A 45 -14.78 1.40 -15.11
CA LEU A 45 -14.30 0.63 -13.98
C LEU A 45 -15.05 -0.67 -13.67
N ASN A 46 -14.29 -1.66 -13.24
CA ASN A 46 -14.86 -2.93 -12.80
C ASN A 46 -14.82 -2.80 -11.29
N ILE A 47 -15.97 -2.55 -10.67
CA ILE A 47 -16.02 -2.38 -9.23
C ILE A 47 -16.54 -3.60 -8.48
N ASN A 48 -16.56 -4.75 -9.15
CA ASN A 48 -17.03 -5.97 -8.51
C ASN A 48 -16.26 -6.33 -7.23
N PRO A 49 -14.94 -6.13 -7.22
CA PRO A 49 -14.18 -6.47 -6.01
C PRO A 49 -14.53 -5.65 -4.78
N VAL A 50 -15.14 -4.48 -4.96
CA VAL A 50 -15.46 -3.62 -3.83
C VAL A 50 -16.92 -3.19 -3.65
N ARG A 51 -17.73 -3.38 -4.67
CA ARG A 51 -19.13 -2.93 -4.63
C ARG A 51 -19.97 -3.31 -3.40
N LYS A 52 -19.96 -4.58 -3.04
CA LYS A 52 -20.75 -5.06 -1.93
C LYS A 52 -20.29 -4.69 -0.53
N ARG A 53 -19.02 -4.31 -0.38
CA ARG A 53 -18.51 -3.98 0.95
C ARG A 53 -18.01 -2.56 1.15
N ILE A 54 -17.86 -1.81 0.07
CA ILE A 54 -17.34 -0.45 0.17
C ILE A 54 -18.11 0.45 1.16
N GLU A 55 -19.43 0.39 1.15
CA GLU A 55 -20.23 1.23 2.04
C GLU A 55 -20.06 0.88 3.52
N SER A 56 -20.10 -0.40 3.85
CA SER A 56 -19.95 -0.85 5.23
C SER A 56 -18.55 -0.50 5.74
N VAL A 57 -17.54 -0.75 4.90
CA VAL A 57 -16.17 -0.44 5.31
C VAL A 57 -16.03 1.06 5.52
N ARG A 58 -16.67 1.85 4.64
CA ARG A 58 -16.62 3.29 4.77
C ARG A 58 -17.22 3.72 6.10
N GLU A 59 -18.41 3.22 6.41
CA GLU A 59 -19.06 3.60 7.65
C GLU A 59 -18.22 3.21 8.86
N THR A 60 -17.67 2.00 8.85
CA THR A 60 -16.85 1.53 9.95
C THR A 60 -15.60 2.38 10.10
N ALA A 61 -14.93 2.66 8.99
CA ALA A 61 -13.72 3.48 9.03
C ALA A 61 -14.02 4.85 9.61
N HIS A 62 -15.07 5.48 9.09
CA HIS A 62 -15.43 6.81 9.56
C HIS A 62 -15.84 6.83 11.03
N LYS A 63 -16.50 5.78 11.48
CA LYS A 63 -16.93 5.71 12.88
C LYS A 63 -15.70 5.73 13.79
N HIS A 64 -14.57 5.25 13.25
CA HIS A 64 -13.31 5.22 14.00
C HIS A 64 -12.41 6.40 13.62
N ASN A 65 -12.98 7.36 12.90
CA ASN A 65 -12.24 8.56 12.49
C ASN A 65 -11.04 8.25 11.60
N VAL A 66 -11.20 7.25 10.73
CA VAL A 66 -10.15 6.84 9.79
C VAL A 66 -10.67 7.15 8.39
N LYS A 67 -9.84 7.81 7.57
CA LYS A 67 -10.24 8.16 6.22
C LYS A 67 -10.18 6.94 5.31
N ILE A 68 -10.99 6.97 4.26
CA ILE A 68 -11.02 5.86 3.32
C ILE A 68 -10.91 6.35 1.88
N LEU A 69 -10.03 5.70 1.12
CA LEU A 69 -9.82 6.04 -0.29
C LEU A 69 -10.02 4.77 -1.11
N ILE A 70 -10.44 4.95 -2.36
CA ILE A 70 -10.62 3.82 -3.25
C ILE A 70 -9.33 3.70 -4.04
N SER A 71 -8.72 2.52 -4.04
CA SER A 71 -7.49 2.32 -4.78
C SER A 71 -7.82 1.75 -6.15
N LEU A 72 -7.08 2.19 -7.16
CA LEU A 72 -7.31 1.76 -8.53
C LEU A 72 -6.12 1.06 -9.18
N ALA A 73 -6.37 -0.13 -9.69
CA ALA A 73 -5.34 -0.93 -10.36
C ALA A 73 -5.90 -1.48 -11.66
N LYS A 74 -5.01 -1.96 -12.53
CA LYS A 74 -5.38 -2.50 -13.85
C LYS A 74 -6.37 -3.66 -13.74
N ASN A 75 -7.33 -3.70 -14.66
CA ASN A 75 -8.30 -4.78 -14.65
C ASN A 75 -7.60 -6.07 -15.06
N SER A 76 -6.64 -5.93 -15.97
CA SER A 76 -5.84 -7.05 -16.46
C SER A 76 -4.63 -6.44 -17.16
N PRO A 77 -3.62 -7.26 -17.47
CA PRO A 77 -2.40 -6.79 -18.13
C PRO A 77 -2.64 -5.88 -19.34
N GLY A 78 -2.10 -4.67 -19.28
CA GLY A 78 -2.23 -3.73 -20.37
C GLY A 78 -3.50 -2.90 -20.48
N GLU A 79 -4.52 -3.21 -19.69
CA GLU A 79 -5.77 -2.44 -19.77
C GLU A 79 -5.66 -1.01 -19.24
N PHE A 80 -4.84 -0.82 -18.22
CA PHE A 80 -4.66 0.51 -17.66
C PHE A 80 -3.85 1.33 -18.65
N THR A 81 -2.88 0.69 -19.29
CA THR A 81 -2.05 1.38 -20.26
C THR A 81 -2.90 1.83 -21.46
N THR A 82 -3.81 0.96 -21.91
CA THR A 82 -4.67 1.30 -23.04
C THR A 82 -5.56 2.49 -22.67
N ALA A 83 -6.09 2.45 -21.45
CA ALA A 83 -6.98 3.50 -20.95
C ALA A 83 -6.34 4.88 -20.92
N ILE A 84 -5.07 4.96 -20.57
CA ILE A 84 -4.42 6.27 -20.50
C ILE A 84 -3.85 6.77 -21.84
N ASN A 85 -3.46 5.86 -22.72
CA ASN A 85 -2.91 6.27 -24.02
C ASN A 85 -4.02 6.73 -24.94
N ASP A 86 -5.22 6.20 -24.74
CA ASP A 86 -6.38 6.56 -25.54
C ASP A 86 -7.02 7.79 -24.92
N PRO A 87 -6.93 8.93 -25.61
CA PRO A 87 -7.48 10.22 -25.14
C PRO A 87 -8.90 10.17 -24.57
N LYS A 88 -9.85 9.62 -25.31
CA LYS A 88 -11.22 9.57 -24.83
C LYS A 88 -11.37 8.65 -23.63
N ALA A 89 -10.64 7.53 -23.64
CA ALA A 89 -10.70 6.59 -22.53
C ALA A 89 -10.15 7.29 -21.28
N ARG A 90 -9.03 7.99 -21.45
CA ARG A 90 -8.39 8.71 -20.36
C ARG A 90 -9.34 9.68 -19.69
N LYS A 91 -10.07 10.44 -20.48
CA LYS A 91 -11.02 11.42 -19.96
C LYS A 91 -12.18 10.71 -19.26
N GLU A 92 -12.60 9.58 -19.81
CA GLU A 92 -13.69 8.82 -19.23
C GLU A 92 -13.25 8.30 -17.86
N LEU A 93 -12.06 7.70 -17.83
CA LEU A 93 -11.51 7.16 -16.59
C LEU A 93 -11.44 8.21 -15.49
N ILE A 94 -11.03 9.42 -15.87
CA ILE A 94 -10.93 10.52 -14.90
C ILE A 94 -12.30 10.80 -14.31
N GLN A 95 -13.30 10.86 -15.17
CA GLN A 95 -14.67 11.09 -14.74
C GLN A 95 -15.15 9.95 -13.84
N GLN A 96 -14.90 8.72 -14.27
CA GLN A 96 -15.30 7.54 -13.51
C GLN A 96 -14.74 7.58 -12.08
N ILE A 97 -13.44 7.85 -11.97
CA ILE A 97 -12.79 7.91 -10.66
C ILE A 97 -13.40 8.98 -9.75
N ILE A 98 -13.48 10.21 -10.25
CA ILE A 98 -14.04 11.31 -9.47
C ILE A 98 -15.47 11.00 -9.08
N ALA A 99 -16.22 10.38 -9.98
CA ALA A 99 -17.62 10.04 -9.74
C ALA A 99 -17.75 8.99 -8.64
N PHE A 100 -16.98 7.92 -8.74
CA PHE A 100 -17.03 6.84 -7.76
C PHE A 100 -16.73 7.37 -6.36
N THR A 101 -15.71 8.20 -6.27
CA THR A 101 -15.29 8.79 -5.01
C THR A 101 -16.43 9.63 -4.41
N LYS A 102 -16.99 10.53 -5.22
CA LYS A 102 -18.08 11.39 -4.79
C LYS A 102 -19.32 10.59 -4.38
N GLU A 103 -19.78 9.74 -5.28
CA GLU A 103 -20.95 8.90 -5.05
C GLU A 103 -20.87 8.09 -3.76
N TYR A 104 -19.73 7.47 -3.52
CA TYR A 104 -19.56 6.65 -2.34
C TYR A 104 -19.08 7.44 -1.13
N LYS A 105 -19.10 8.76 -1.25
CA LYS A 105 -18.70 9.65 -0.18
C LYS A 105 -17.41 9.21 0.49
N LEU A 106 -16.38 8.96 -0.33
CA LEU A 106 -15.09 8.54 0.17
C LEU A 106 -14.20 9.77 0.36
N ASP A 107 -13.06 9.58 0.99
CA ASP A 107 -12.15 10.69 1.26
C ASP A 107 -11.10 10.94 0.18
N GLY A 108 -11.10 10.12 -0.86
CA GLY A 108 -10.13 10.31 -1.92
C GLY A 108 -9.89 9.04 -2.69
N PHE A 109 -8.88 9.08 -3.56
CA PHE A 109 -8.54 7.93 -4.38
C PHE A 109 -7.04 7.73 -4.45
N ASP A 110 -6.65 6.49 -4.67
CA ASP A 110 -5.25 6.08 -4.75
C ASP A 110 -5.01 5.43 -6.11
N ILE A 111 -3.98 5.89 -6.83
CA ILE A 111 -3.64 5.33 -8.14
C ILE A 111 -2.48 4.34 -8.02
N ASP A 112 -2.76 3.09 -8.33
CA ASP A 112 -1.77 2.02 -8.27
C ASP A 112 -1.54 1.49 -9.68
N TYR A 113 -0.82 2.28 -10.48
CA TYR A 113 -0.51 1.92 -11.87
C TYR A 113 0.74 1.04 -11.93
N GLU A 114 0.58 -0.18 -12.41
CA GLU A 114 1.72 -1.08 -12.51
C GLU A 114 1.80 -1.80 -13.86
N GLU A 115 1.94 -1.03 -14.93
CA GLU A 115 2.06 -1.57 -16.28
C GLU A 115 3.51 -1.24 -16.64
N TYR A 116 4.39 -2.22 -16.49
CA TYR A 116 5.80 -2.01 -16.73
C TYR A 116 6.32 -2.11 -18.15
N ASP A 117 5.51 -2.63 -19.07
CA ASP A 117 5.95 -2.73 -20.45
C ASP A 117 6.07 -1.31 -21.04
N ASN A 118 7.20 -1.01 -21.66
CA ASN A 118 7.47 0.29 -22.25
C ASN A 118 7.14 1.43 -21.29
N TRP A 119 7.67 1.35 -20.08
CA TRP A 119 7.40 2.36 -19.08
C TRP A 119 7.68 3.80 -19.52
N ASP A 120 8.90 4.09 -19.95
CA ASP A 120 9.22 5.45 -20.37
C ASP A 120 8.37 5.94 -21.53
N LYS A 121 8.07 5.06 -22.48
CA LYS A 121 7.25 5.43 -23.63
C LYS A 121 5.84 5.84 -23.21
N ASN A 122 5.28 5.14 -22.23
CA ASN A 122 3.93 5.42 -21.74
C ASN A 122 3.84 6.45 -20.62
N PHE A 123 4.97 6.78 -19.98
CA PHE A 123 4.92 7.72 -18.86
C PHE A 123 4.31 9.09 -19.17
N PRO A 124 4.65 9.68 -20.33
CA PRO A 124 4.07 10.99 -20.63
C PRO A 124 2.54 10.96 -20.54
N SER A 125 1.94 9.88 -21.05
CA SER A 125 0.49 9.72 -21.00
C SER A 125 0.03 9.55 -19.56
N LEU A 126 0.82 8.82 -18.76
CA LEU A 126 0.47 8.59 -17.37
C LEU A 126 0.47 9.93 -16.63
N LEU A 127 1.48 10.75 -16.91
CA LEU A 127 1.61 12.06 -16.28
C LEU A 127 0.43 12.95 -16.68
N VAL A 128 0.06 12.92 -17.95
CA VAL A 128 -1.07 13.72 -18.44
C VAL A 128 -2.34 13.29 -17.71
N PHE A 129 -2.44 11.98 -17.47
CA PHE A 129 -3.59 11.40 -16.76
C PHE A 129 -3.60 11.92 -15.33
N ALA A 130 -2.43 11.91 -14.69
CA ALA A 130 -2.31 12.38 -13.31
C ALA A 130 -2.71 13.86 -13.19
N ARG A 131 -2.23 14.69 -14.10
CA ARG A 131 -2.55 16.11 -14.09
C ARG A 131 -4.06 16.29 -14.29
N GLY A 132 -4.62 15.58 -15.26
CA GLY A 132 -6.04 15.68 -15.53
C GLY A 132 -6.88 15.26 -14.33
N LEU A 133 -6.45 14.21 -13.64
CA LEU A 133 -7.17 13.74 -12.46
C LEU A 133 -7.16 14.81 -11.38
N TYR A 134 -5.99 15.42 -11.18
CA TYR A 134 -5.83 16.46 -10.18
C TYR A 134 -6.72 17.67 -10.47
N LEU A 135 -6.65 18.17 -11.70
CA LEU A 135 -7.44 19.32 -12.12
C LEU A 135 -8.94 19.08 -12.01
N ALA A 136 -9.36 17.84 -12.21
CA ALA A 136 -10.77 17.48 -12.16
C ALA A 136 -11.32 17.15 -10.77
N LYS A 137 -10.46 16.70 -9.86
CA LYS A 137 -10.92 16.32 -8.54
C LYS A 137 -11.43 17.48 -7.68
N GLU A 138 -12.27 17.15 -6.70
CA GLU A 138 -12.82 18.14 -5.80
C GLU A 138 -11.77 18.49 -4.75
N LYS A 139 -11.84 19.72 -4.23
CA LYS A 139 -10.91 20.22 -3.23
C LYS A 139 -10.58 19.23 -2.11
N ASN A 140 -11.62 18.81 -1.39
CA ASN A 140 -11.47 17.88 -0.26
C ASN A 140 -10.90 16.51 -0.56
N MSE A 141 -11.01 16.05 -1.80
CA MSE A 141 -10.51 14.73 -2.18
C MSE A 141 -9.00 14.54 -2.10
O MSE A 141 -8.24 15.31 -2.70
CB MSE A 141 -10.96 14.37 -3.59
CG MSE A 141 -12.46 14.36 -3.81
SE MSE A 141 -12.87 13.72 -5.58
CE MSE A 141 -14.61 13.04 -5.22
N LEU A 142 -8.59 13.50 -1.40
CA LEU A 142 -7.17 13.18 -1.30
C LEU A 142 -6.81 12.45 -2.59
N MSE A 143 -5.58 12.62 -3.06
CA MSE A 143 -5.12 11.96 -4.26
C MSE A 143 -3.75 11.40 -3.93
O MSE A 143 -2.83 12.14 -3.60
CB MSE A 143 -5.03 12.93 -5.42
CG MSE A 143 -4.63 12.28 -6.73
SE MSE A 143 -4.78 13.44 -8.27
CE MSE A 143 -3.26 12.82 -9.23
N THR A 144 -3.63 10.08 -3.96
CA THR A 144 -2.37 9.42 -3.64
C THR A 144 -2.00 8.42 -4.74
N CYS A 145 -0.83 7.83 -4.61
CA CYS A 145 -0.39 6.85 -5.58
C CYS A 145 0.54 5.84 -4.94
N ALA A 146 0.55 4.63 -5.50
CA ALA A 146 1.42 3.55 -5.05
C ALA A 146 2.48 3.55 -6.15
N VAL A 147 3.74 3.73 -5.79
CA VAL A 147 4.79 3.83 -6.78
C VAL A 147 6.01 2.96 -6.51
N ASN A 148 6.82 2.80 -7.55
CA ASN A 148 8.06 2.06 -7.46
C ASN A 148 9.13 3.14 -7.25
N SER A 149 10.35 2.70 -6.94
CA SER A 149 11.43 3.63 -6.71
C SER A 149 12.71 3.14 -7.37
N ARG A 150 13.50 4.09 -7.89
CA ARG A 150 14.80 3.79 -8.49
C ARG A 150 14.88 2.97 -9.78
N TRP A 151 14.17 1.85 -9.88
CA TRP A 151 14.26 1.06 -11.11
C TRP A 151 13.32 1.58 -12.21
N LEU A 152 12.43 2.49 -11.83
CA LEU A 152 11.50 3.11 -12.77
C LEU A 152 11.58 4.61 -12.56
N ASN A 153 11.60 5.37 -13.65
CA ASN A 153 11.68 6.83 -13.54
C ASN A 153 10.32 7.49 -13.63
N TYR A 154 10.00 8.32 -12.64
CA TYR A 154 8.73 9.05 -12.58
C TYR A 154 8.95 10.53 -12.86
N GLY A 155 10.20 10.92 -13.08
CA GLY A 155 10.49 12.33 -13.36
C GLY A 155 10.32 13.22 -12.14
N THR A 156 10.34 14.54 -12.38
CA THR A 156 10.21 15.50 -11.30
C THR A 156 8.90 16.29 -11.31
N GLU A 157 7.99 15.95 -12.22
CA GLU A 157 6.71 16.66 -12.31
C GLU A 157 5.55 15.87 -11.68
N TRP A 158 5.72 14.56 -11.61
CA TRP A 158 4.74 13.65 -11.06
C TRP A 158 4.34 14.01 -9.63
N GLU A 159 5.36 14.22 -8.81
CA GLU A 159 5.25 14.57 -7.41
C GLU A 159 4.11 15.52 -7.04
N GLN A 160 4.13 16.70 -7.64
CA GLN A 160 3.16 17.77 -7.36
C GLN A 160 1.68 17.46 -7.31
N TYR A 161 1.23 16.43 -8.01
CA TYR A 161 -0.20 16.14 -8.02
C TYR A 161 -0.72 15.25 -6.90
N PHE A 162 0.17 14.81 -6.02
CA PHE A 162 -0.27 13.92 -4.96
C PHE A 162 -0.09 14.39 -3.53
N ASP A 163 -1.08 14.09 -2.70
CA ASP A 163 -1.04 14.43 -1.29
C ASP A 163 -0.10 13.45 -0.59
N TYR A 164 -0.10 12.20 -1.04
CA TYR A 164 0.77 11.17 -0.50
C TYR A 164 1.28 10.28 -1.62
N ILE A 165 2.57 9.95 -1.53
CA ILE A 165 3.24 9.09 -2.50
C ILE A 165 3.71 7.90 -1.66
N ASN A 166 3.06 6.76 -1.87
CA ASN A 166 3.34 5.55 -1.10
C ASN A 166 4.29 4.59 -1.83
N LEU A 167 5.46 4.38 -1.24
CA LEU A 167 6.49 3.54 -1.84
C LEU A 167 6.34 2.03 -1.62
N MSE A 168 6.16 1.30 -2.71
CA MSE A 168 6.02 -0.16 -2.65
C MSE A 168 7.43 -0.75 -2.53
O MSE A 168 7.95 -1.36 -3.48
CB MSE A 168 5.33 -0.67 -3.91
CG MSE A 168 3.95 -0.03 -4.14
SE MSE A 168 2.89 -0.77 -5.55
CE MSE A 168 3.72 0.08 -7.00
N SER A 169 8.03 -0.56 -1.37
CA SER A 169 9.38 -1.03 -1.11
C SER A 169 9.38 -2.50 -0.71
N TYR A 170 9.05 -3.35 -1.68
CA TYR A 170 9.01 -4.78 -1.43
C TYR A 170 8.97 -5.58 -2.74
N ASP A 171 9.01 -6.90 -2.61
CA ASP A 171 9.00 -7.82 -3.75
C ASP A 171 10.27 -7.76 -4.60
N ARG A 172 11.35 -7.17 -4.08
CA ARG A 172 12.58 -7.11 -4.85
C ARG A 172 13.28 -8.47 -4.95
N GLY A 173 13.57 -8.89 -6.17
CA GLY A 173 14.26 -10.15 -6.43
C GLY A 173 13.58 -11.39 -5.90
N ALA A 174 12.28 -11.31 -5.66
CA ALA A 174 11.54 -12.42 -5.08
C ALA A 174 11.01 -13.48 -6.06
N PHE A 175 11.05 -13.19 -7.36
CA PHE A 175 10.48 -14.14 -8.32
C PHE A 175 11.46 -15.06 -9.03
N THR A 176 12.41 -15.60 -8.28
CA THR A 176 13.39 -16.53 -8.84
C THR A 176 13.41 -17.75 -7.93
N ASP A 177 14.20 -18.75 -8.30
CA ASP A 177 14.30 -19.96 -7.49
C ASP A 177 15.29 -19.79 -6.34
N LYS A 178 15.85 -18.60 -6.22
CA LYS A 178 16.83 -18.32 -5.17
C LYS A 178 16.25 -17.51 -4.01
N PRO A 179 16.42 -17.99 -2.77
CA PRO A 179 15.93 -17.34 -1.55
C PRO A 179 16.57 -15.96 -1.35
N VAL A 180 15.75 -14.94 -1.10
CA VAL A 180 16.25 -13.59 -0.86
C VAL A 180 15.31 -12.77 0.00
N GLN A 181 15.84 -11.73 0.64
CA GLN A 181 15.02 -10.82 1.46
C GLN A 181 14.38 -9.86 0.46
N HIS A 182 13.06 -9.90 0.35
CA HIS A 182 12.38 -9.06 -0.61
C HIS A 182 12.17 -7.60 -0.22
N ALA A 183 12.27 -7.29 1.07
CA ALA A 183 12.07 -5.93 1.52
C ALA A 183 13.10 -5.54 2.58
N SER A 184 14.34 -5.34 2.15
CA SER A 184 15.40 -5.01 3.08
C SER A 184 15.33 -3.57 3.59
N TYR A 185 15.94 -3.36 4.75
CA TYR A 185 15.97 -2.03 5.35
C TYR A 185 16.77 -1.10 4.44
N ASP A 186 17.86 -1.61 3.88
CA ASP A 186 18.69 -0.82 2.99
C ASP A 186 17.89 -0.27 1.81
N ASP A 187 17.13 -1.13 1.13
CA ASP A 187 16.34 -0.70 -0.02
C ASP A 187 15.18 0.24 0.33
N PHE A 188 14.70 0.16 1.57
CA PHE A 188 13.63 1.02 2.05
C PHE A 188 14.19 2.44 2.16
N VAL A 189 15.33 2.56 2.84
CA VAL A 189 16.00 3.85 3.01
C VAL A 189 16.38 4.48 1.66
N LYS A 190 16.89 3.67 0.74
CA LYS A 190 17.31 4.19 -0.57
C LYS A 190 16.10 4.63 -1.40
N ASP A 191 14.99 3.92 -1.25
CA ASP A 191 13.77 4.25 -1.97
C ASP A 191 13.27 5.63 -1.55
N LEU A 192 13.31 5.88 -0.23
CA LEU A 192 12.86 7.16 0.31
C LEU A 192 13.74 8.28 -0.22
N LYS A 193 15.05 8.07 -0.13
CA LYS A 193 16.03 9.06 -0.60
C LYS A 193 15.77 9.40 -2.07
N TYR A 194 15.47 8.37 -2.86
CA TYR A 194 15.22 8.55 -4.28
C TYR A 194 14.06 9.52 -4.53
N TRP A 195 12.96 9.31 -3.83
CA TRP A 195 11.79 10.15 -4.02
C TRP A 195 11.92 11.58 -3.50
N ASN A 196 12.68 11.76 -2.44
CA ASN A 196 12.86 13.09 -1.89
C ASN A 196 13.91 13.87 -2.69
N GLU A 197 15.05 13.24 -2.95
CA GLU A 197 16.14 13.89 -3.67
C GLU A 197 16.09 13.89 -5.19
N GLN A 198 15.66 12.80 -5.81
CA GLN A 198 15.62 12.75 -7.27
C GLN A 198 14.28 13.19 -7.86
N CYS A 199 13.19 12.73 -7.27
CA CYS A 199 11.88 13.09 -7.77
C CYS A 199 11.46 14.43 -7.19
N ARG A 200 12.29 14.95 -6.30
CA ARG A 200 12.03 16.24 -5.66
C ARG A 200 10.70 16.34 -4.94
N ALA A 201 10.28 15.24 -4.32
CA ALA A 201 9.03 15.24 -3.56
C ALA A 201 9.33 15.62 -2.12
N SER A 202 8.52 16.51 -1.55
CA SER A 202 8.73 16.92 -0.16
C SER A 202 8.63 15.70 0.73
N LYS A 203 9.48 15.64 1.76
CA LYS A 203 9.44 14.52 2.69
C LYS A 203 8.06 14.43 3.33
N SER A 204 7.41 15.58 3.49
CA SER A 204 6.10 15.62 4.11
C SER A 204 5.00 14.86 3.36
N LYS A 205 5.31 14.31 2.20
CA LYS A 205 4.32 13.57 1.44
C LYS A 205 4.81 12.18 1.04
N ILE A 206 6.05 11.87 1.41
CA ILE A 206 6.63 10.57 1.09
C ILE A 206 6.31 9.57 2.20
N VAL A 207 5.66 8.47 1.81
CA VAL A 207 5.22 7.42 2.73
C VAL A 207 5.90 6.07 2.44
N GLY A 208 6.61 5.53 3.42
CA GLY A 208 7.28 4.26 3.23
C GLY A 208 6.41 3.01 3.36
N GLY A 209 6.37 2.22 2.29
CA GLY A 209 5.56 1.01 2.29
C GLY A 209 6.17 -0.15 3.08
N LEU A 210 5.32 -0.91 3.76
CA LEU A 210 5.76 -2.05 4.58
C LEU A 210 4.98 -3.31 4.21
N PRO A 211 5.66 -4.46 4.18
CA PRO A 211 5.00 -5.72 3.84
C PRO A 211 4.64 -6.59 5.04
N PHE A 212 3.40 -7.06 5.10
CA PHE A 212 2.97 -7.95 6.18
C PHE A 212 2.98 -9.39 5.66
N TYR A 213 3.90 -9.66 4.74
CA TYR A 213 4.03 -10.97 4.13
C TYR A 213 5.46 -11.13 3.64
N GLY A 214 5.81 -12.37 3.29
CA GLY A 214 7.14 -12.64 2.78
C GLY A 214 7.07 -13.77 1.77
N TYR A 215 8.20 -14.44 1.59
CA TYR A 215 8.31 -15.54 0.64
C TYR A 215 9.06 -16.70 1.29
N SER A 216 8.70 -17.92 0.90
CA SER A 216 9.38 -19.09 1.43
C SER A 216 9.76 -20.04 0.32
N TRP A 217 11.01 -20.49 0.36
CA TRP A 217 11.52 -21.42 -0.64
C TRP A 217 11.65 -22.81 0.01
N GLU A 218 11.00 -22.99 1.15
CA GLU A 218 11.01 -24.26 1.86
C GLU A 218 10.10 -25.27 1.18
N GLU A 219 10.67 -26.42 0.80
CA GLU A 219 9.90 -27.45 0.13
C GLU A 219 8.73 -27.88 1.02
N SER A 220 9.00 -27.98 2.32
CA SER A 220 7.98 -28.40 3.28
C SER A 220 6.83 -27.42 3.45
N LEU A 221 6.95 -26.23 2.86
CA LEU A 221 5.89 -25.24 2.99
C LEU A 221 5.18 -24.97 1.67
N GLN A 222 5.43 -25.81 0.67
CA GLN A 222 4.78 -25.64 -0.63
C GLN A 222 3.26 -25.67 -0.51
N GLY A 223 2.77 -26.26 0.57
CA GLY A 223 1.33 -26.34 0.77
C GLY A 223 0.81 -25.15 1.57
N ALA A 224 1.68 -24.18 1.82
CA ALA A 224 1.30 -23.01 2.60
C ALA A 224 1.68 -21.68 1.95
N VAL A 225 2.19 -21.73 0.72
CA VAL A 225 2.59 -20.54 -0.02
C VAL A 225 1.78 -20.46 -1.31
N ASP A 226 1.62 -19.26 -1.87
CA ASP A 226 0.86 -19.15 -3.11
C ASP A 226 1.68 -19.40 -4.38
N ASP A 227 1.07 -19.08 -5.52
CA ASP A 227 1.70 -19.29 -6.83
C ASP A 227 3.04 -18.60 -7.00
N VAL A 228 3.33 -17.63 -6.15
CA VAL A 228 4.56 -16.89 -6.27
C VAL A 228 5.43 -17.04 -5.01
N ARG A 229 5.15 -18.08 -4.24
CA ARG A 229 5.87 -18.39 -3.00
C ARG A 229 5.55 -17.41 -1.87
N GLY A 230 4.49 -16.63 -2.03
CA GLY A 230 4.12 -15.68 -1.00
C GLY A 230 3.45 -16.34 0.19
N ILE A 231 3.75 -15.83 1.38
CA ILE A 231 3.18 -16.34 2.61
C ILE A 231 2.94 -15.19 3.58
N ARG A 232 1.73 -15.12 4.13
CA ARG A 232 1.37 -14.04 5.06
C ARG A 232 2.08 -14.15 6.40
N TYR A 233 2.24 -13.01 7.08
CA TYR A 233 2.90 -13.01 8.39
C TYR A 233 2.20 -14.02 9.31
N SER A 234 0.88 -14.08 9.22
CA SER A 234 0.11 -15.01 10.04
C SER A 234 0.53 -16.45 9.75
N GLY A 235 0.73 -16.75 8.47
CA GLY A 235 1.13 -18.09 8.07
C GLY A 235 2.55 -18.41 8.52
N ILE A 236 3.38 -17.38 8.61
CA ILE A 236 4.75 -17.55 9.05
C ILE A 236 4.79 -17.97 10.52
N LEU A 237 4.07 -17.24 11.37
CA LEU A 237 4.04 -17.56 12.80
C LEU A 237 3.43 -18.95 13.02
N LYS A 238 2.40 -19.27 12.26
CA LYS A 238 1.73 -20.58 12.37
C LYS A 238 2.68 -21.73 12.07
N HIS A 239 3.37 -21.64 10.94
CA HIS A 239 4.29 -22.68 10.49
C HIS A 239 5.70 -22.63 11.04
N LEU A 240 6.19 -21.45 11.40
CA LEU A 240 7.55 -21.34 11.90
C LEU A 240 7.64 -21.07 13.39
N GLY A 241 6.50 -20.82 14.03
CA GLY A 241 6.52 -20.57 15.46
C GLY A 241 6.63 -19.10 15.79
N ASN A 242 6.31 -18.76 17.03
CA ASN A 242 6.35 -17.36 17.44
C ASN A 242 7.73 -16.70 17.48
N GLU A 243 8.79 -17.49 17.49
CA GLU A 243 10.13 -16.92 17.49
C GLU A 243 10.37 -16.18 16.16
N ALA A 244 9.60 -16.55 15.15
CA ALA A 244 9.74 -15.90 13.84
C ALA A 244 9.32 -14.43 13.88
N ALA A 245 8.58 -14.06 14.91
CA ALA A 245 8.11 -12.68 15.04
C ALA A 245 9.24 -11.67 15.21
N ASP A 246 10.37 -12.11 15.75
CA ASP A 246 11.49 -11.20 15.99
C ASP A 246 12.69 -11.42 15.10
N LYS A 247 12.44 -11.88 13.88
CA LYS A 247 13.48 -12.14 12.89
C LYS A 247 12.93 -11.80 11.52
N ASP A 248 13.84 -11.71 10.54
CA ASP A 248 13.43 -11.44 9.17
C ASP A 248 13.56 -12.72 8.37
N ASN A 249 14.10 -13.76 9.00
CA ASN A 249 14.25 -15.02 8.30
C ASN A 249 14.55 -16.22 9.18
N ILE A 250 14.00 -17.35 8.77
CA ILE A 250 14.21 -18.63 9.44
C ILE A 250 14.32 -19.61 8.28
N GLY A 251 15.49 -20.22 8.13
CA GLY A 251 15.68 -21.15 7.05
C GLY A 251 15.57 -20.44 5.71
N LYS A 252 14.74 -20.98 4.82
CA LYS A 252 14.56 -20.39 3.50
C LYS A 252 13.30 -19.54 3.38
N THR A 253 12.87 -18.96 4.50
CA THR A 253 11.68 -18.10 4.52
C THR A 253 12.13 -16.69 4.90
N TYR A 254 11.88 -15.72 4.03
CA TYR A 254 12.29 -14.34 4.27
C TYR A 254 11.12 -13.36 4.30
N TYR A 255 11.10 -12.49 5.30
CA TYR A 255 10.01 -11.54 5.48
C TYR A 255 10.48 -10.38 6.35
N ASN A 256 9.54 -9.58 6.84
CA ASN A 256 9.89 -8.47 7.72
C ASN A 256 9.32 -8.77 9.09
N GLY A 257 10.20 -8.99 10.08
CA GLY A 257 9.76 -9.28 11.43
C GLY A 257 9.56 -7.99 12.18
N ARG A 258 9.20 -8.07 13.45
CA ARG A 258 8.97 -6.87 14.25
C ARG A 258 10.12 -5.87 14.34
N PRO A 259 11.34 -6.34 14.63
CA PRO A 259 12.46 -5.39 14.74
C PRO A 259 12.66 -4.57 13.47
N THR A 260 12.54 -5.21 12.32
CA THR A 260 12.71 -4.52 11.06
C THR A 260 11.57 -3.57 10.75
N ILE A 261 10.34 -3.98 11.09
CA ILE A 261 9.19 -3.10 10.84
C ILE A 261 9.39 -1.85 11.69
N ALA A 262 9.85 -2.05 12.92
CA ALA A 262 10.11 -0.95 13.83
C ALA A 262 11.24 -0.06 13.32
N ASN A 263 12.33 -0.67 12.88
CA ASN A 263 13.46 0.10 12.37
C ASN A 263 13.03 0.99 11.21
N LYS A 264 12.16 0.46 10.35
CA LYS A 264 11.68 1.24 9.21
C LYS A 264 10.84 2.41 9.68
N CYS A 265 9.97 2.18 10.66
CA CYS A 265 9.13 3.24 11.20
C CYS A 265 9.98 4.32 11.87
N LYS A 266 11.01 3.89 12.58
CA LYS A 266 11.92 4.79 13.28
C LYS A 266 12.66 5.71 12.31
N PHE A 267 13.11 5.15 11.19
CA PHE A 267 13.81 5.95 10.19
C PHE A 267 12.86 7.00 9.62
N ILE A 268 11.61 6.59 9.39
CA ILE A 268 10.59 7.50 8.88
C ILE A 268 10.46 8.67 9.86
N LYS A 269 10.30 8.33 11.14
CA LYS A 269 10.16 9.34 12.19
C LYS A 269 11.37 10.26 12.32
N GLU A 270 12.54 9.66 12.47
CA GLU A 270 13.79 10.40 12.64
C GLU A 270 14.17 11.28 11.46
N ASN A 271 13.68 10.96 10.28
CA ASN A 271 14.05 11.76 9.12
C ASN A 271 12.90 12.57 8.52
N ASP A 272 11.88 12.78 9.33
CA ASP A 272 10.71 13.57 8.97
C ASP A 272 9.92 13.20 7.73
N TYR A 273 9.74 11.91 7.48
CA TYR A 273 8.93 11.49 6.34
C TYR A 273 7.47 11.50 6.79
N ALA A 274 6.55 11.46 5.83
CA ALA A 274 5.12 11.51 6.11
C ALA A 274 4.53 10.39 6.98
N GLY A 275 5.04 9.17 6.82
CA GLY A 275 4.51 8.06 7.59
C GLY A 275 4.77 6.75 6.87
N VAL A 276 3.92 5.75 7.12
CA VAL A 276 4.08 4.46 6.47
C VAL A 276 2.78 3.97 5.84
N MSE A 277 2.95 3.03 4.92
CA MSE A 277 1.81 2.42 4.24
C MSE A 277 1.99 0.93 4.40
O MSE A 277 3.11 0.45 4.58
CB MSE A 277 1.82 2.83 2.76
CG MSE A 277 0.92 1.97 1.83
SE MSE A 277 1.79 0.40 1.14
CE MSE A 277 2.80 1.21 -0.26
N ILE A 278 0.89 0.19 4.36
CA ILE A 278 0.94 -1.24 4.55
C ILE A 278 0.21 -2.08 3.51
N TRP A 279 0.87 -3.15 3.08
CA TRP A 279 0.24 -4.09 2.18
C TRP A 279 0.48 -5.48 2.79
N GLN A 280 -0.55 -6.09 3.38
CA GLN A 280 -1.89 -5.53 3.51
C GLN A 280 -2.38 -5.95 4.90
N LEU A 281 -3.29 -5.17 5.48
CA LEU A 281 -3.77 -5.43 6.83
C LEU A 281 -4.20 -6.84 7.22
N PHE A 282 -4.91 -7.55 6.35
CA PHE A 282 -5.36 -8.92 6.70
C PHE A 282 -4.27 -9.98 6.84
N GLN A 283 -3.08 -9.73 6.30
CA GLN A 283 -1.99 -10.71 6.37
C GLN A 283 -1.31 -10.77 7.73
N ASP A 284 -1.64 -9.83 8.60
CA ASP A 284 -1.07 -9.75 9.95
C ASP A 284 -1.50 -10.97 10.78
N ALA A 285 -0.86 -11.13 11.94
CA ALA A 285 -1.18 -12.24 12.83
C ALA A 285 -2.61 -12.06 13.33
N HIS A 286 -3.19 -13.14 13.84
CA HIS A 286 -4.57 -13.13 14.33
C HIS A 286 -4.62 -12.90 15.84
N ASN A 287 -5.82 -12.77 16.39
CA ASN A 287 -5.94 -12.53 17.83
C ASN A 287 -5.26 -13.58 18.68
N ASP A 288 -5.12 -14.80 18.18
CA ASP A 288 -4.46 -15.85 18.94
C ASP A 288 -2.99 -15.49 19.15
N ASN A 289 -2.50 -14.52 18.38
CA ASN A 289 -1.11 -14.05 18.50
C ASN A 289 -1.10 -12.53 18.52
N TYR A 290 -2.16 -11.95 19.06
CA TYR A 290 -2.33 -10.49 19.13
C TYR A 290 -1.07 -9.69 19.47
N ASP A 291 -0.47 -9.97 20.62
CA ASP A 291 0.70 -9.23 21.05
C ASP A 291 1.84 -9.25 20.04
N LEU A 292 1.81 -10.18 19.10
CA LEU A 292 2.87 -10.28 18.11
C LEU A 292 2.53 -9.64 16.78
N LYS A 293 1.38 -8.99 16.69
CA LYS A 293 0.98 -8.36 15.43
C LYS A 293 1.88 -7.21 14.96
N LEU A 294 2.13 -7.18 13.65
CA LEU A 294 2.96 -6.14 13.06
C LEU A 294 2.27 -4.77 13.14
N ILE A 295 0.95 -4.73 13.05
CA ILE A 295 0.27 -3.44 13.11
C ILE A 295 0.52 -2.79 14.47
N ASN A 296 0.71 -3.59 15.51
CA ASN A 296 0.97 -3.02 16.83
C ASN A 296 2.38 -2.43 16.88
N VAL A 297 3.32 -3.03 16.15
CA VAL A 297 4.67 -2.47 16.12
C VAL A 297 4.53 -1.10 15.49
N VAL A 298 3.82 -1.04 14.36
CA VAL A 298 3.61 0.21 13.66
C VAL A 298 2.91 1.22 14.57
N GLY A 299 1.91 0.76 15.32
CA GLY A 299 1.18 1.65 16.22
C GLY A 299 2.05 2.25 17.31
N ARG A 300 2.88 1.42 17.93
CA ARG A 300 3.75 1.90 18.99
C ARG A 300 4.74 2.95 18.48
N GLU A 301 5.32 2.72 17.30
CA GLU A 301 6.30 3.65 16.73
C GLU A 301 5.70 4.91 16.13
N MSE A 302 4.53 4.79 15.52
CA MSE A 302 3.91 5.93 14.86
C MSE A 302 2.89 6.75 15.65
O MSE A 302 2.77 7.95 15.45
CB MSE A 302 3.28 5.47 13.54
CG MSE A 302 4.26 4.79 12.58
SE MSE A 302 5.77 5.89 12.05
CE MSE A 302 5.47 5.97 10.24
N MSE A 303 2.18 6.10 16.57
CA MSE A 303 1.18 6.80 17.37
C MSE A 303 1.60 7.11 18.79
O MSE A 303 1.26 8.15 19.33
CB MSE A 303 -0.11 5.96 17.46
CG MSE A 303 -1.07 6.12 16.31
SE MSE A 303 -0.49 5.30 14.70
CE MSE A 303 -1.87 6.05 13.58
N GLU A 304 2.35 6.20 19.39
CA GLU A 304 2.75 6.37 20.77
C GLU A 304 4.13 6.96 21.05
N GLU A 305 5.18 6.38 20.47
CA GLU A 305 6.54 6.85 20.71
C GLU A 305 6.74 8.37 20.64
N GLY A 306 5.94 9.04 19.82
CA GLY A 306 6.09 10.49 19.70
C GLY A 306 4.90 11.27 20.21
N HIS A 307 3.86 10.55 20.62
CA HIS A 307 2.62 11.17 21.10
C HIS A 307 2.56 11.47 22.60
N HIS A 308 3.51 10.94 23.37
CA HIS A 308 3.48 11.17 24.81
C HIS A 308 3.24 12.61 25.23
N HIS A 309 2.45 12.77 26.28
CA HIS A 309 2.14 14.08 26.81
C HIS A 309 1.97 13.99 28.33
N HIS A 310 1.89 15.16 28.96
CA HIS A 310 1.72 15.21 30.41
C HIS A 310 0.24 15.04 30.75
N HIS A 311 -0.03 14.92 32.05
CA HIS A 311 -1.39 14.81 32.57
C HIS A 311 -2.17 13.62 32.06
N HIS A 312 -1.53 12.45 32.10
CA HIS A 312 -2.14 11.20 31.65
C HIS A 312 -3.15 10.72 32.71
C1 GOL B . 0.52 -13.09 0.52
O1 GOL B . 1.61 -12.66 -0.32
C2 GOL B . -0.71 -13.27 -0.38
O2 GOL B . -1.75 -12.34 0.01
C3 GOL B . -1.22 -14.70 -0.31
O3 GOL B . -1.44 -15.02 1.07
#